data_1FRN
#
_entry.id   1FRN
#
_cell.length_a   90.700
_cell.length_b   57.700
_cell.length_c   68.100
_cell.angle_alpha   90.00
_cell.angle_beta   100.00
_cell.angle_gamma   90.00
#
_symmetry.space_group_name_H-M   'C 1 2 1'
#
loop_
_entity.id
_entity.type
_entity.pdbx_description
1 polymer 'FERREDOXIN-NADP+ REDUCTASE'
2 non-polymer 'PHOSPHATE ION'
3 non-polymer 'SULFATE ION'
4 non-polymer 'FLAVIN-ADENINE DINUCLEOTIDE'
5 water water
#
_entity_poly.entity_id   1
_entity_poly.type   'polypeptide(L)'
_entity_poly.pdbx_seq_one_letter_code
;QIASDVEAPPPAPAKVEKHSKKMEEGITVNKFKPKTPYVGRCLLNTKITGDDAPGETWHMVFSHEGEIPYREGQSVGVIP
DGEDKNGKPHKLRLYVIASSALGDFGDAKSVSLCVKRLIYTNDAGETIKGVCSNFLCDLKPGAEVKLTGPVGKEMLMPKD
PNATIIMLGTGTGIAPFRSFLWKMFFEKHDDYKFNGLAWLFLGVPTSSSLLYKEEFEKMKEKAPDNFRLDFAVSREQTNE
KGEKMYIQTRMAQYAVELWEMLKKDNTYFYMCGLKGMEKGIDDIMVSLAAAEGIDWIEYKRQLKKAEQWNVEVY
;
_entity_poly.pdbx_strand_id   A
#
loop_
_chem_comp.id
_chem_comp.type
_chem_comp.name
_chem_comp.formula
FAD non-polymer 'FLAVIN-ADENINE DINUCLEOTIDE' 'C27 H33 N9 O15 P2'
PO4 non-polymer 'PHOSPHATE ION' 'O4 P -3'
SO4 non-polymer 'SULFATE ION' 'O4 S -2'
#
# COMPACT_ATOMS: atom_id res chain seq x y z
N HIS A 19 -14.42 20.31 3.19
CA HIS A 19 -15.22 19.26 3.83
C HIS A 19 -14.69 17.90 3.54
N SER A 20 -13.70 17.45 4.26
CA SER A 20 -13.21 16.15 3.93
C SER A 20 -13.87 14.94 4.61
N LYS A 21 -13.93 13.88 3.85
CA LYS A 21 -14.42 12.63 4.37
C LYS A 21 -13.25 11.84 4.91
N LYS A 22 -12.06 12.35 4.64
CA LYS A 22 -10.85 11.69 5.10
C LYS A 22 -10.22 12.37 6.27
N MET A 23 -9.32 11.65 6.90
CA MET A 23 -8.63 12.18 8.06
C MET A 23 -7.51 13.13 7.69
N GLU A 24 -7.92 14.28 7.21
CA GLU A 24 -7.04 15.31 6.73
C GLU A 24 -6.59 16.33 7.76
N GLU A 25 -7.39 16.54 8.77
CA GLU A 25 -7.11 17.54 9.78
C GLU A 25 -5.83 17.31 10.58
N GLY A 26 -4.96 18.36 10.52
CA GLY A 26 -3.69 18.40 11.19
C GLY A 26 -2.68 17.43 10.62
N ILE A 27 -2.67 17.25 9.30
CA ILE A 27 -1.71 16.35 8.75
C ILE A 27 -0.42 17.13 8.56
N THR A 28 0.69 16.43 8.51
CA THR A 28 1.95 17.06 8.28
C THR A 28 2.44 16.62 6.92
N VAL A 29 2.96 17.61 6.23
CA VAL A 29 3.45 17.46 4.89
C VAL A 29 4.71 18.24 4.65
N ASN A 30 5.70 17.54 4.21
CA ASN A 30 6.96 18.19 3.95
C ASN A 30 7.58 18.90 5.11
N LYS A 31 7.56 18.28 6.27
CA LYS A 31 8.29 18.82 7.35
C LYS A 31 9.77 18.80 6.89
N PHE A 32 10.18 17.69 6.29
CA PHE A 32 11.51 17.47 5.81
C PHE A 32 11.58 17.46 4.30
N LYS A 33 12.55 18.21 3.78
CA LYS A 33 12.78 18.37 2.34
C LYS A 33 14.14 17.86 1.86
N PRO A 34 14.21 17.62 0.58
CA PRO A 34 15.41 17.13 -0.03
C PRO A 34 16.63 17.99 0.29
N LYS A 35 16.46 19.28 0.47
CA LYS A 35 17.66 20.03 0.80
C LYS A 35 18.00 19.86 2.26
N THR A 36 17.03 19.40 3.01
CA THR A 36 17.17 19.29 4.44
C THR A 36 16.35 18.14 5.00
N PRO A 37 16.79 16.98 4.69
CA PRO A 37 16.16 15.73 5.03
C PRO A 37 16.34 15.40 6.48
N TYR A 38 15.59 14.45 7.00
CA TYR A 38 15.74 14.01 8.36
C TYR A 38 16.67 12.83 8.25
N VAL A 39 17.68 12.71 9.13
CA VAL A 39 18.55 11.54 9.04
C VAL A 39 18.22 10.50 10.09
N GLY A 40 17.56 9.41 9.72
CA GLY A 40 17.22 8.39 10.73
C GLY A 40 18.17 7.25 10.58
N ARG A 41 17.97 6.22 11.39
CA ARG A 41 18.84 5.06 11.39
C ARG A 41 18.04 3.81 11.21
N CYS A 42 18.64 2.82 10.60
CA CYS A 42 17.97 1.60 10.35
C CYS A 42 18.06 0.80 11.59
N LEU A 43 16.92 0.26 12.01
CA LEU A 43 16.78 -0.54 13.16
C LEU A 43 16.73 -2.00 12.77
N LEU A 44 15.91 -2.32 11.77
CA LEU A 44 15.70 -3.69 11.27
C LEU A 44 15.51 -3.69 9.77
N ASN A 45 15.94 -4.80 9.17
CA ASN A 45 15.79 -4.99 7.74
C ASN A 45 15.62 -6.46 7.49
N THR A 46 14.43 -6.90 7.09
CA THR A 46 14.21 -8.36 6.91
C THR A 46 13.68 -8.70 5.51
N LYS A 47 14.07 -9.87 4.98
CA LYS A 47 13.51 -10.26 3.71
C LYS A 47 12.16 -10.83 4.01
N ILE A 48 11.15 -10.35 3.35
CA ILE A 48 9.88 -10.92 3.69
C ILE A 48 9.31 -11.91 2.68
N THR A 49 10.02 -12.16 1.58
CA THR A 49 9.51 -13.13 0.64
C THR A 49 10.32 -14.40 0.72
N GLY A 50 9.76 -15.50 0.23
CA GLY A 50 10.49 -16.76 0.21
C GLY A 50 11.50 -16.79 -0.93
N ASP A 51 12.38 -17.81 -0.93
CA ASP A 51 13.42 -17.99 -1.95
C ASP A 51 12.87 -18.25 -3.34
N ASP A 52 11.75 -18.99 -3.39
CA ASP A 52 11.03 -19.21 -4.61
C ASP A 52 10.84 -17.85 -5.30
N ALA A 53 10.03 -17.01 -4.65
CA ALA A 53 9.58 -15.70 -5.08
C ALA A 53 10.42 -15.03 -6.17
N PRO A 54 9.76 -14.43 -7.15
CA PRO A 54 10.44 -13.70 -8.21
C PRO A 54 10.79 -12.32 -7.74
N GLY A 55 12.00 -12.17 -7.33
CA GLY A 55 12.35 -10.87 -6.82
C GLY A 55 12.13 -10.77 -5.29
N GLU A 56 12.92 -9.94 -4.61
CA GLU A 56 12.77 -9.88 -3.19
C GLU A 56 12.11 -8.61 -2.71
N THR A 57 11.31 -8.77 -1.67
CA THR A 57 10.70 -7.68 -0.94
C THR A 57 11.20 -7.67 0.50
N TRP A 58 11.62 -6.50 0.95
CA TRP A 58 12.14 -6.31 2.26
C TRP A 58 11.23 -5.38 3.08
N HIS A 59 11.16 -5.70 4.37
CA HIS A 59 10.41 -4.90 5.34
C HIS A 59 11.46 -4.27 6.24
N MET A 60 11.57 -2.96 6.24
CA MET A 60 12.63 -2.31 7.00
C MET A 60 12.03 -1.21 7.88
N VAL A 61 12.67 -1.04 9.03
CA VAL A 61 12.13 -0.11 10.00
C VAL A 61 13.19 0.89 10.37
N PHE A 62 12.84 2.14 10.35
CA PHE A 62 13.78 3.15 10.68
C PHE A 62 13.32 3.91 11.89
N SER A 63 14.30 4.42 12.64
CA SER A 63 14.10 5.30 13.79
C SER A 63 13.91 6.76 13.39
N HIS A 64 12.90 7.48 13.88
CA HIS A 64 12.79 8.84 13.49
C HIS A 64 12.59 9.67 14.71
N GLU A 65 12.65 9.00 15.84
CA GLU A 65 12.56 9.69 17.11
C GLU A 65 11.33 10.58 17.22
N GLY A 66 10.28 10.28 16.50
CA GLY A 66 9.12 11.12 16.62
C GLY A 66 9.25 12.38 15.79
N GLU A 67 10.31 12.56 15.05
CA GLU A 67 10.38 13.81 14.28
C GLU A 67 9.49 13.83 13.05
N ILE A 68 9.08 12.66 12.56
CA ILE A 68 8.22 12.65 11.35
C ILE A 68 6.82 12.21 11.75
N PRO A 69 5.97 13.16 12.00
CA PRO A 69 4.61 12.89 12.44
C PRO A 69 3.70 12.53 11.27
N TYR A 70 3.88 11.35 10.73
CA TYR A 70 3.06 10.93 9.61
C TYR A 70 1.70 10.29 10.03
N ARG A 71 0.78 10.18 9.06
CA ARG A 71 -0.50 9.53 9.23
C ARG A 71 -0.68 8.31 8.26
N GLU A 72 -1.51 7.31 8.62
CA GLU A 72 -1.71 6.14 7.79
C GLU A 72 -2.06 6.54 6.37
N GLY A 73 -1.45 5.92 5.37
CA GLY A 73 -1.80 6.30 4.01
C GLY A 73 -0.78 7.28 3.36
N GLN A 74 0.14 7.82 4.15
CA GLN A 74 1.13 8.75 3.64
C GLN A 74 2.39 8.09 3.06
N SER A 75 3.25 8.88 2.39
CA SER A 75 4.52 8.36 1.87
C SER A 75 5.69 9.15 2.50
N VAL A 76 6.91 8.64 2.35
CA VAL A 76 8.08 9.41 2.72
C VAL A 76 9.00 9.31 1.49
N GLY A 77 9.90 10.30 1.31
CA GLY A 77 10.87 10.16 0.27
C GLY A 77 12.17 9.69 0.89
N VAL A 78 12.92 8.92 0.11
CA VAL A 78 14.22 8.47 0.48
C VAL A 78 15.24 9.00 -0.52
N ILE A 79 16.39 9.47 -0.07
CA ILE A 79 17.48 9.95 -0.91
C ILE A 79 18.60 8.97 -0.70
N PRO A 80 18.83 8.11 -1.67
CA PRO A 80 19.85 7.11 -1.58
C PRO A 80 21.23 7.82 -1.58
N ASP A 81 22.14 7.29 -0.82
CA ASP A 81 23.46 7.91 -0.76
C ASP A 81 24.15 7.90 -2.13
N GLY A 82 25.03 8.88 -2.34
CA GLY A 82 25.86 8.95 -3.55
C GLY A 82 25.47 10.09 -4.46
N GLU A 83 26.06 10.14 -5.68
CA GLU A 83 25.65 11.20 -6.62
C GLU A 83 25.22 10.68 -7.94
N ASP A 84 24.51 11.51 -8.66
CA ASP A 84 24.17 11.07 -9.99
C ASP A 84 25.40 11.23 -10.85
N LYS A 85 25.20 10.93 -12.11
CA LYS A 85 26.24 10.98 -13.11
C LYS A 85 26.83 12.36 -13.25
N ASN A 86 26.20 13.34 -12.58
CA ASN A 86 26.65 14.73 -12.61
C ASN A 86 27.17 15.21 -11.30
N GLY A 87 27.43 14.31 -10.39
CA GLY A 87 27.96 14.74 -9.10
C GLY A 87 26.90 15.40 -8.22
N LYS A 88 25.67 15.31 -8.64
CA LYS A 88 24.62 15.83 -7.82
C LYS A 88 24.03 14.69 -7.00
N PRO A 89 23.33 15.04 -5.91
CA PRO A 89 22.76 13.99 -5.08
C PRO A 89 21.59 13.31 -5.80
N HIS A 90 21.38 12.05 -5.50
CA HIS A 90 20.31 11.40 -6.16
C HIS A 90 18.99 12.08 -5.86
N LYS A 91 18.05 11.83 -6.78
CA LYS A 91 16.70 12.33 -6.65
C LYS A 91 16.02 11.41 -5.66
N LEU A 92 15.07 11.95 -4.91
CA LEU A 92 14.34 11.10 -4.00
C LEU A 92 13.45 10.10 -4.74
N ARG A 93 13.16 9.02 -4.04
CA ARG A 93 12.20 8.00 -4.45
C ARG A 93 11.09 7.99 -3.38
N LEU A 94 9.84 7.79 -3.79
CA LEU A 94 8.71 7.65 -2.87
C LEU A 94 8.37 6.21 -2.49
N TYR A 95 8.06 6.06 -1.18
CA TYR A 95 7.66 4.77 -0.60
C TYR A 95 6.45 4.97 0.24
N VAL A 96 5.41 4.22 0.01
CA VAL A 96 4.22 4.45 0.84
C VAL A 96 4.56 3.86 2.21
N ILE A 97 4.23 4.53 3.31
CA ILE A 97 4.58 3.97 4.63
C ILE A 97 3.76 2.71 4.97
N ALA A 98 4.43 1.68 5.43
CA ALA A 98 3.82 0.37 5.70
C ALA A 98 3.45 0.18 7.15
N SER A 99 3.78 1.15 7.99
CA SER A 99 3.50 1.06 9.40
C SER A 99 2.43 2.04 9.74
N SER A 100 1.68 1.77 10.81
CA SER A 100 0.67 2.75 11.17
C SER A 100 1.40 3.88 11.88
N ALA A 101 0.66 4.91 12.22
CA ALA A 101 1.22 6.11 12.82
C ALA A 101 2.02 5.82 14.08
N LEU A 102 1.58 4.85 14.87
CA LEU A 102 2.35 4.50 16.10
C LEU A 102 3.54 3.64 15.78
N GLY A 103 3.41 2.89 14.68
CA GLY A 103 4.52 2.11 14.21
C GLY A 103 4.47 0.75 14.74
N ASP A 104 5.44 0.01 14.30
CA ASP A 104 5.50 -1.41 14.60
C ASP A 104 5.84 -1.64 16.06
N PHE A 105 6.40 -0.61 16.78
CA PHE A 105 6.71 -0.79 18.19
C PHE A 105 5.77 -0.04 19.08
N GLY A 106 4.81 0.56 18.45
CA GLY A 106 3.74 1.25 19.09
C GLY A 106 4.12 2.47 19.90
N ASP A 107 5.23 3.08 19.60
CA ASP A 107 5.66 4.22 20.35
C ASP A 107 5.75 5.45 19.49
N ALA A 108 5.34 5.37 18.22
CA ALA A 108 5.42 6.57 17.37
C ALA A 108 6.80 7.12 17.10
N LYS A 109 7.82 6.28 17.15
CA LYS A 109 9.13 6.83 16.90
C LYS A 109 9.85 6.09 15.80
N SER A 110 9.16 5.14 15.14
CA SER A 110 9.75 4.44 14.01
C SER A 110 8.85 4.48 12.78
N VAL A 111 9.44 4.16 11.60
CA VAL A 111 8.70 4.16 10.32
C VAL A 111 9.13 2.95 9.54
N SER A 112 8.18 2.24 8.94
CA SER A 112 8.48 1.04 8.23
C SER A 112 8.11 1.19 6.73
N LEU A 113 8.96 0.54 5.93
CA LEU A 113 8.87 0.49 4.45
C LEU A 113 8.79 -0.92 3.94
N CYS A 114 8.07 -1.11 2.82
CA CYS A 114 7.98 -2.39 2.13
C CYS A 114 8.60 -2.15 0.76
N VAL A 115 9.76 -2.71 0.55
CA VAL A 115 10.51 -2.38 -0.62
C VAL A 115 10.87 -3.59 -1.49
N LYS A 116 10.56 -3.48 -2.76
CA LYS A 116 10.94 -4.58 -3.64
C LYS A 116 12.34 -4.25 -4.27
N ARG A 117 13.26 -5.21 -4.29
CA ARG A 117 14.56 -4.94 -4.90
C ARG A 117 14.45 -4.90 -6.43
N LEU A 118 14.80 -3.79 -7.06
CA LEU A 118 14.68 -3.68 -8.50
C LEU A 118 16.01 -4.02 -9.21
N ILE A 119 15.92 -5.08 -10.05
CA ILE A 119 16.99 -5.56 -10.93
C ILE A 119 16.46 -5.82 -12.31
N TYR A 120 17.11 -5.22 -13.29
CA TYR A 120 16.77 -5.43 -14.68
C TYR A 120 18.01 -5.49 -15.58
N THR A 121 17.76 -5.62 -16.88
CA THR A 121 18.80 -5.73 -17.90
C THR A 121 18.53 -4.69 -18.94
N ASN A 122 19.54 -3.95 -19.23
CA ASN A 122 19.36 -2.92 -20.19
C ASN A 122 19.40 -3.48 -21.59
N ASP A 123 19.50 -2.54 -22.53
CA ASP A 123 19.54 -2.80 -23.95
C ASP A 123 20.68 -3.70 -24.34
N ALA A 124 21.80 -3.53 -23.67
CA ALA A 124 22.97 -4.34 -23.99
C ALA A 124 23.03 -5.68 -23.27
N GLY A 125 21.94 -6.09 -22.59
CA GLY A 125 21.96 -7.38 -21.88
C GLY A 125 22.70 -7.26 -20.54
N GLU A 126 23.10 -6.04 -20.20
CA GLU A 126 23.78 -5.84 -18.93
C GLU A 126 22.75 -5.72 -17.79
N THR A 127 23.07 -6.35 -16.66
CA THR A 127 22.18 -6.33 -15.51
C THR A 127 22.28 -5.02 -14.78
N ILE A 128 21.14 -4.44 -14.48
CA ILE A 128 21.11 -3.18 -13.79
C ILE A 128 20.30 -3.28 -12.51
N LYS A 129 20.86 -2.74 -11.42
CA LYS A 129 20.17 -2.71 -10.13
C LYS A 129 19.51 -1.35 -9.93
N GLY A 130 18.31 -1.33 -9.34
CA GLY A 130 17.71 -0.03 -9.15
C GLY A 130 18.48 0.64 -8.03
N VAL A 131 18.71 1.94 -8.18
CA VAL A 131 19.54 2.69 -7.27
C VAL A 131 19.04 2.66 -5.84
N CYS A 132 17.83 3.21 -5.68
CA CYS A 132 17.23 3.31 -4.37
C CYS A 132 16.76 1.98 -3.80
N SER A 133 16.11 1.13 -4.57
CA SER A 133 15.69 -0.12 -3.98
C SER A 133 16.88 -0.95 -3.48
N ASN A 134 17.97 -0.96 -4.21
CA ASN A 134 19.13 -1.75 -3.77
C ASN A 134 19.86 -1.19 -2.53
N PHE A 135 20.01 0.15 -2.52
CA PHE A 135 20.57 0.83 -1.39
C PHE A 135 19.74 0.47 -0.17
N LEU A 136 18.39 0.62 -0.26
CA LEU A 136 17.56 0.27 0.87
C LEU A 136 17.61 -1.20 1.27
N CYS A 137 17.43 -2.10 0.30
CA CYS A 137 17.42 -3.53 0.65
C CYS A 137 18.72 -4.01 1.21
N ASP A 138 19.74 -3.21 0.96
CA ASP A 138 21.04 -3.52 1.45
C ASP A 138 21.36 -2.95 2.83
N LEU A 139 20.58 -2.00 3.29
CA LEU A 139 20.87 -1.37 4.59
C LEU A 139 21.07 -2.32 5.75
N LYS A 140 22.03 -1.96 6.61
CA LYS A 140 22.36 -2.76 7.80
C LYS A 140 21.84 -2.00 9.05
N PRO A 141 21.36 -2.71 10.10
CA PRO A 141 20.92 -1.99 11.29
C PRO A 141 22.02 -1.03 11.76
N GLY A 142 21.68 0.23 11.98
CA GLY A 142 22.71 1.16 12.34
C GLY A 142 23.07 2.09 11.21
N ALA A 143 22.85 1.69 9.98
CA ALA A 143 23.13 2.66 8.95
C ALA A 143 22.15 3.81 9.00
N GLU A 144 22.56 4.97 8.54
CA GLU A 144 21.70 6.14 8.46
C GLU A 144 20.99 6.26 7.13
N VAL A 145 19.86 6.94 7.15
CA VAL A 145 19.15 7.09 5.91
C VAL A 145 18.48 8.40 5.93
N LYS A 146 18.49 9.04 4.77
CA LYS A 146 17.97 10.37 4.65
C LYS A 146 16.51 10.36 4.18
N LEU A 147 15.60 10.93 4.98
CA LEU A 147 14.18 10.86 4.63
C LEU A 147 13.58 12.18 4.42
N THR A 148 12.56 12.23 3.56
CA THR A 148 11.82 13.48 3.37
C THR A 148 10.34 13.20 3.56
N GLY A 149 9.56 14.25 3.70
CA GLY A 149 8.11 14.08 3.82
C GLY A 149 7.58 14.51 5.18
N PRO A 150 6.49 13.91 5.67
CA PRO A 150 5.67 12.89 5.02
C PRO A 150 5.03 13.56 3.81
N VAL A 151 4.57 12.75 2.85
CA VAL A 151 3.96 13.28 1.63
C VAL A 151 2.56 12.72 1.44
N GLY A 152 1.59 13.46 0.92
CA GLY A 152 0.37 12.77 0.53
C GLY A 152 -0.90 13.08 1.31
N LYS A 153 -2.03 13.00 0.61
CA LYS A 153 -3.36 13.14 1.20
C LYS A 153 -4.28 12.12 0.52
N GLU A 154 -3.88 11.72 -0.65
CA GLU A 154 -4.72 10.88 -1.47
C GLU A 154 -5.20 9.60 -0.78
N MET A 155 -4.32 8.94 -0.03
CA MET A 155 -4.60 7.66 0.52
C MET A 155 -4.91 7.68 1.99
N LEU A 156 -5.35 8.84 2.46
CA LEU A 156 -5.76 8.92 3.86
C LEU A 156 -7.00 8.10 4.16
N MET A 157 -7.15 7.68 5.41
CA MET A 157 -8.32 6.88 5.80
C MET A 157 -9.55 7.72 5.95
N PRO A 158 -10.70 7.10 5.77
CA PRO A 158 -11.93 7.82 5.95
C PRO A 158 -12.12 8.08 7.42
N LYS A 159 -12.75 9.18 7.70
CA LYS A 159 -13.04 9.58 9.04
C LYS A 159 -14.02 8.59 9.70
N ASP A 160 -15.00 8.10 8.93
CA ASP A 160 -16.09 7.19 9.39
C ASP A 160 -15.64 5.83 9.96
N PRO A 161 -15.80 5.60 11.29
CA PRO A 161 -15.35 4.37 11.88
C PRO A 161 -16.22 3.22 11.51
N ASN A 162 -17.33 3.47 10.84
CA ASN A 162 -18.18 2.37 10.45
C ASN A 162 -18.22 2.17 8.94
N ALA A 163 -17.26 2.79 8.20
CA ALA A 163 -17.16 2.72 6.76
C ALA A 163 -16.91 1.29 6.29
N THR A 164 -17.32 1.01 5.01
CA THR A 164 -16.97 -0.23 4.35
C THR A 164 -15.73 0.17 3.61
N ILE A 165 -14.63 -0.56 3.90
CA ILE A 165 -13.34 -0.22 3.32
C ILE A 165 -12.83 -1.36 2.51
N ILE A 166 -12.76 -1.11 1.19
CA ILE A 166 -12.27 -2.10 0.26
C ILE A 166 -10.90 -1.73 -0.24
N MET A 167 -9.96 -2.65 -0.06
CA MET A 167 -8.57 -2.43 -0.39
C MET A 167 -8.06 -3.48 -1.34
N LEU A 168 -7.55 -2.99 -2.46
CA LEU A 168 -7.02 -3.81 -3.57
C LEU A 168 -5.57 -3.42 -3.81
N GLY A 169 -4.70 -4.32 -3.44
CA GLY A 169 -3.31 -4.02 -3.58
C GLY A 169 -2.64 -5.15 -4.30
N THR A 170 -1.57 -4.78 -5.01
CA THR A 170 -0.69 -5.74 -5.67
C THR A 170 0.73 -5.50 -5.17
N GLY A 171 1.39 -6.59 -4.83
CA GLY A 171 2.78 -6.48 -4.40
C GLY A 171 2.94 -5.51 -3.25
N THR A 172 3.88 -4.61 -3.46
CA THR A 172 4.26 -3.62 -2.49
C THR A 172 3.12 -2.69 -2.18
N GLY A 173 2.15 -2.73 -3.05
CA GLY A 173 0.98 -1.89 -2.86
C GLY A 173 0.21 -2.27 -1.60
N ILE A 174 0.58 -3.37 -0.94
CA ILE A 174 -0.02 -3.78 0.33
C ILE A 174 0.25 -2.71 1.40
N ALA A 175 1.38 -1.95 1.21
CA ALA A 175 1.88 -1.00 2.24
C ALA A 175 0.85 -0.18 2.96
N PRO A 176 0.11 0.70 2.27
CA PRO A 176 -0.85 1.51 2.98
C PRO A 176 -1.95 0.72 3.71
N PHE A 177 -2.29 -0.50 3.24
CA PHE A 177 -3.35 -1.30 3.83
C PHE A 177 -2.88 -1.94 5.10
N ARG A 178 -1.60 -2.28 5.12
CA ARG A 178 -0.99 -2.72 6.36
C ARG A 178 -1.07 -1.61 7.41
N SER A 179 -0.82 -0.36 6.94
CA SER A 179 -0.89 0.77 7.80
C SER A 179 -2.28 0.90 8.40
N PHE A 180 -3.26 0.91 7.54
CA PHE A 180 -4.65 1.10 7.99
C PHE A 180 -4.99 0.03 8.99
N LEU A 181 -4.69 -1.22 8.61
CA LEU A 181 -5.15 -2.39 9.36
C LEU A 181 -4.63 -2.51 10.75
N TRP A 182 -3.36 -2.10 10.90
CA TRP A 182 -2.70 -2.06 12.18
C TRP A 182 -3.47 -1.08 13.05
N LYS A 183 -3.79 0.06 12.46
CA LYS A 183 -4.54 1.03 13.26
C LYS A 183 -5.90 0.47 13.66
N MET A 184 -6.56 -0.13 12.69
CA MET A 184 -7.91 -0.67 12.85
C MET A 184 -7.98 -1.82 13.78
N PHE A 185 -7.09 -2.77 13.64
CA PHE A 185 -7.21 -3.99 14.43
C PHE A 185 -6.10 -4.28 15.43
N PHE A 186 -4.96 -3.58 15.45
CA PHE A 186 -3.97 -4.00 16.39
C PHE A 186 -3.71 -2.96 17.46
N GLU A 187 -4.41 -1.83 17.39
CA GLU A 187 -4.25 -0.75 18.34
C GLU A 187 -5.56 -0.35 18.97
N LYS A 188 -5.41 0.24 20.18
CA LYS A 188 -6.50 0.83 20.95
C LYS A 188 -6.27 2.32 20.88
N HIS A 189 -7.25 3.05 20.40
CA HIS A 189 -7.13 4.49 20.26
C HIS A 189 -8.21 5.13 21.05
N ASP A 190 -7.92 6.27 21.66
CA ASP A 190 -8.87 6.98 22.52
C ASP A 190 -10.09 7.47 21.78
N ASP A 191 -9.91 7.84 20.52
CA ASP A 191 -10.96 8.45 19.70
C ASP A 191 -11.37 7.65 18.50
N TYR A 192 -10.86 6.44 18.35
CA TYR A 192 -11.15 5.67 17.17
C TYR A 192 -11.33 4.22 17.48
N LYS A 193 -12.49 3.78 17.06
CA LYS A 193 -12.83 2.40 17.16
C LYS A 193 -13.49 1.95 15.85
N PHE A 194 -12.77 1.18 15.09
CA PHE A 194 -13.33 0.70 13.85
C PHE A 194 -14.43 -0.31 14.07
N ASN A 195 -15.56 -0.10 13.40
CA ASN A 195 -16.67 -1.04 13.48
C ASN A 195 -17.32 -1.41 12.12
N GLY A 196 -16.70 -1.07 10.99
CA GLY A 196 -17.34 -1.37 9.73
C GLY A 196 -16.88 -2.67 9.22
N LEU A 197 -16.77 -2.73 7.92
CA LEU A 197 -16.30 -3.94 7.32
C LEU A 197 -15.10 -3.61 6.48
N ALA A 198 -14.01 -4.28 6.68
CA ALA A 198 -12.81 -4.03 5.90
C ALA A 198 -12.57 -5.24 5.06
N TRP A 199 -12.21 -4.98 3.80
CA TRP A 199 -12.06 -6.09 2.88
C TRP A 199 -10.80 -5.96 2.10
N LEU A 200 -9.87 -6.85 2.31
CA LEU A 200 -8.61 -6.74 1.59
C LEU A 200 -8.45 -7.79 0.48
N PHE A 201 -8.08 -7.34 -0.69
CA PHE A 201 -7.73 -8.25 -1.77
C PHE A 201 -6.26 -8.02 -2.07
N LEU A 202 -5.50 -9.10 -1.98
CA LEU A 202 -4.09 -9.01 -2.27
C LEU A 202 -3.71 -9.96 -3.40
N GLY A 203 -3.22 -9.33 -4.46
CA GLY A 203 -2.71 -9.98 -5.69
C GLY A 203 -1.17 -10.00 -5.80
N VAL A 204 -0.65 -11.25 -5.70
CA VAL A 204 0.77 -11.56 -5.83
C VAL A 204 0.96 -12.73 -6.83
N PRO A 205 2.16 -12.87 -7.44
CA PRO A 205 2.41 -13.97 -8.39
C PRO A 205 2.51 -15.35 -7.73
N THR A 206 3.25 -15.44 -6.65
CA THR A 206 3.46 -16.69 -5.96
C THR A 206 3.13 -16.67 -4.47
N SER A 207 2.95 -17.87 -3.91
CA SER A 207 2.65 -18.07 -2.52
C SER A 207 3.84 -17.60 -1.70
N SER A 208 4.96 -17.55 -2.35
CA SER A 208 6.12 -17.08 -1.63
C SER A 208 6.19 -15.56 -1.64
N SER A 209 5.35 -14.91 -2.47
CA SER A 209 5.31 -13.46 -2.53
C SER A 209 4.10 -12.90 -1.69
N LEU A 210 3.49 -13.74 -0.82
CA LEU A 210 2.38 -13.25 -0.02
C LEU A 210 2.89 -12.41 1.19
N LEU A 211 2.75 -11.10 1.11
CA LEU A 211 3.28 -10.21 2.13
C LEU A 211 2.37 -10.06 3.37
N TYR A 212 2.96 -10.22 4.56
CA TYR A 212 2.32 -10.03 5.84
C TYR A 212 1.10 -10.89 6.07
N LYS A 213 1.00 -12.01 5.37
CA LYS A 213 -0.17 -12.86 5.53
C LYS A 213 -0.44 -13.25 6.95
N GLU A 214 0.63 -13.56 7.69
CA GLU A 214 0.47 -13.97 9.07
C GLU A 214 -0.22 -12.90 9.91
N GLU A 215 0.08 -11.62 9.62
CA GLU A 215 -0.50 -10.51 10.36
C GLU A 215 -1.93 -10.48 10.03
N PHE A 216 -2.22 -10.67 8.73
CA PHE A 216 -3.58 -10.61 8.30
C PHE A 216 -4.42 -11.76 8.85
N GLU A 217 -3.84 -12.95 8.95
CA GLU A 217 -4.56 -14.08 9.51
C GLU A 217 -4.89 -13.82 10.98
N LYS A 218 -4.04 -13.09 11.71
CA LYS A 218 -4.33 -12.80 13.10
C LYS A 218 -5.41 -11.79 13.23
N MET A 219 -5.48 -10.85 12.31
CA MET A 219 -6.55 -9.88 12.37
C MET A 219 -7.86 -10.53 12.09
N LYS A 220 -7.83 -11.49 11.17
CA LYS A 220 -9.05 -12.17 10.74
C LYS A 220 -9.68 -12.89 11.94
N GLU A 221 -8.83 -13.57 12.65
CA GLU A 221 -9.24 -14.28 13.84
C GLU A 221 -9.85 -13.31 14.82
N LYS A 222 -9.16 -12.23 14.98
CA LYS A 222 -9.54 -11.21 15.94
C LYS A 222 -10.89 -10.53 15.68
N ALA A 223 -11.15 -10.16 14.43
CA ALA A 223 -12.33 -9.41 14.01
C ALA A 223 -13.00 -10.09 12.84
N PRO A 224 -13.41 -11.33 13.06
CA PRO A 224 -13.98 -12.13 12.02
C PRO A 224 -15.19 -11.51 11.30
N ASP A 225 -15.98 -10.65 11.98
CA ASP A 225 -17.11 -10.05 11.31
C ASP A 225 -16.81 -8.69 10.72
N ASN A 226 -15.61 -8.23 10.99
CA ASN A 226 -15.26 -6.93 10.51
C ASN A 226 -14.18 -6.99 9.46
N PHE A 227 -13.62 -8.12 9.21
CA PHE A 227 -12.56 -8.16 8.26
C PHE A 227 -12.72 -9.32 7.32
N ARG A 228 -12.55 -9.06 6.03
CA ARG A 228 -12.63 -10.08 4.97
C ARG A 228 -11.35 -10.07 4.25
N LEU A 229 -10.88 -11.27 3.91
CA LEU A 229 -9.59 -11.37 3.32
C LEU A 229 -9.55 -12.30 2.09
N ASP A 230 -8.99 -11.83 0.98
CA ASP A 230 -8.81 -12.61 -0.23
C ASP A 230 -7.51 -12.40 -0.94
N PHE A 231 -6.91 -13.50 -1.24
CA PHE A 231 -5.64 -13.51 -1.96
C PHE A 231 -5.81 -13.99 -3.36
N ALA A 232 -4.99 -13.47 -4.25
CA ALA A 232 -4.93 -13.88 -5.63
C ALA A 232 -3.46 -14.18 -5.98
N VAL A 233 -3.15 -15.46 -6.08
CA VAL A 233 -1.80 -15.85 -6.44
C VAL A 233 -1.75 -16.29 -7.92
N SER A 234 -1.54 -15.31 -8.82
CA SER A 234 -1.61 -15.48 -10.27
C SER A 234 -1.09 -16.75 -10.79
N ARG A 235 0.18 -16.99 -10.54
CA ARG A 235 0.82 -18.18 -11.05
C ARG A 235 0.50 -19.48 -10.35
N GLU A 236 -0.54 -19.54 -9.54
CA GLU A 236 -0.84 -20.80 -8.88
C GLU A 236 -2.32 -21.07 -8.75
N GLN A 237 -3.08 -20.07 -9.10
CA GLN A 237 -4.51 -20.16 -9.00
C GLN A 237 -5.19 -19.81 -10.30
N THR A 238 -6.22 -20.56 -10.60
CA THR A 238 -7.03 -20.32 -11.78
C THR A 238 -8.50 -20.29 -11.42
N ASN A 239 -9.26 -19.60 -12.24
CA ASN A 239 -10.69 -19.64 -12.09
C ASN A 239 -11.20 -20.84 -12.92
N GLU A 240 -12.50 -21.16 -12.85
CA GLU A 240 -13.14 -22.26 -13.58
C GLU A 240 -12.75 -22.34 -15.08
N LYS A 241 -12.82 -21.19 -15.79
CA LYS A 241 -12.45 -21.06 -17.21
C LYS A 241 -11.03 -21.53 -17.45
N GLY A 242 -10.27 -21.53 -16.35
CA GLY A 242 -8.88 -21.90 -16.33
C GLY A 242 -7.99 -20.65 -16.35
N GLU A 243 -8.60 -19.47 -16.18
CA GLU A 243 -7.86 -18.21 -16.18
C GLU A 243 -6.95 -18.02 -14.96
N LYS A 244 -5.87 -17.30 -15.20
CA LYS A 244 -4.93 -16.92 -14.15
C LYS A 244 -5.66 -16.07 -13.11
N MET A 245 -5.34 -16.29 -11.84
CA MET A 245 -5.99 -15.59 -10.76
C MET A 245 -5.43 -14.23 -10.45
N TYR A 246 -5.69 -13.29 -11.31
CA TYR A 246 -5.29 -11.94 -11.07
C TYR A 246 -6.28 -11.32 -10.07
N ILE A 247 -5.95 -10.10 -9.59
CA ILE A 247 -6.78 -9.42 -8.63
C ILE A 247 -8.18 -9.22 -9.19
N GLN A 248 -8.32 -8.69 -10.40
CA GLN A 248 -9.66 -8.54 -10.98
C GLN A 248 -10.33 -9.91 -11.13
N THR A 249 -9.51 -10.89 -11.47
CA THR A 249 -9.99 -12.23 -11.63
C THR A 249 -10.55 -12.74 -10.33
N ARG A 250 -9.99 -12.28 -9.24
CA ARG A 250 -10.49 -12.75 -7.97
C ARG A 250 -11.73 -11.95 -7.54
N MET A 251 -11.73 -10.63 -7.84
CA MET A 251 -12.84 -9.73 -7.50
C MET A 251 -14.12 -10.12 -8.23
N ALA A 252 -13.92 -10.50 -9.53
CA ALA A 252 -14.98 -10.90 -10.46
C ALA A 252 -15.93 -11.92 -9.84
N GLN A 253 -15.34 -12.76 -9.05
CA GLN A 253 -16.01 -13.78 -8.28
C GLN A 253 -16.93 -13.14 -7.23
N TYR A 254 -16.79 -11.81 -6.99
CA TYR A 254 -17.64 -11.12 -6.01
C TYR A 254 -18.32 -9.90 -6.51
N ALA A 255 -18.30 -9.80 -7.82
CA ALA A 255 -18.86 -8.69 -8.53
C ALA A 255 -20.19 -8.25 -8.06
N VAL A 256 -21.19 -9.12 -8.02
CA VAL A 256 -22.49 -8.72 -7.51
C VAL A 256 -22.43 -7.96 -6.20
N GLU A 257 -21.62 -8.51 -5.28
CA GLU A 257 -21.36 -7.96 -3.93
C GLU A 257 -20.65 -6.59 -3.93
N LEU A 258 -19.57 -6.50 -4.70
CA LEU A 258 -18.79 -5.30 -4.75
C LEU A 258 -19.42 -4.14 -5.41
N TRP A 259 -20.18 -4.50 -6.43
CA TRP A 259 -20.88 -3.56 -7.23
C TRP A 259 -21.97 -3.09 -6.30
N GLU A 260 -22.58 -4.04 -5.56
CA GLU A 260 -23.61 -3.63 -4.65
C GLU A 260 -23.08 -2.66 -3.61
N MET A 261 -21.82 -2.96 -3.21
CA MET A 261 -21.13 -2.19 -2.20
C MET A 261 -20.81 -0.80 -2.67
N LEU A 262 -20.37 -0.70 -3.93
CA LEU A 262 -20.08 0.59 -4.55
C LEU A 262 -21.25 1.51 -4.59
N LYS A 263 -22.43 0.93 -4.47
CA LYS A 263 -23.60 1.75 -4.55
C LYS A 263 -23.94 2.52 -3.33
N LYS A 264 -23.27 2.18 -2.23
CA LYS A 264 -23.54 2.83 -0.96
C LYS A 264 -22.57 3.96 -0.59
N ASP A 265 -23.11 5.04 -0.05
CA ASP A 265 -22.37 6.21 0.32
C ASP A 265 -21.21 5.94 1.30
N ASN A 266 -21.35 4.97 2.19
CA ASN A 266 -20.29 4.74 3.16
C ASN A 266 -19.23 3.73 2.75
N THR A 267 -19.09 3.47 1.44
CA THR A 267 -18.11 2.48 0.95
C THR A 267 -16.94 3.24 0.37
N TYR A 268 -15.74 2.88 0.75
CA TYR A 268 -14.59 3.59 0.20
C TYR A 268 -13.65 2.60 -0.42
N PHE A 269 -13.28 2.82 -1.67
CA PHE A 269 -12.35 1.96 -2.40
C PHE A 269 -10.98 2.52 -2.44
N TYR A 270 -9.99 1.68 -2.16
CA TYR A 270 -8.59 2.10 -2.22
C TYR A 270 -7.80 1.13 -3.05
N MET A 271 -6.94 1.66 -3.92
CA MET A 271 -6.19 0.73 -4.77
C MET A 271 -4.77 1.13 -4.76
N CYS A 272 -3.88 0.16 -4.63
CA CYS A 272 -2.47 0.56 -4.59
C CYS A 272 -1.58 -0.51 -5.14
N GLY A 273 -0.63 -0.07 -5.92
CA GLY A 273 0.32 -1.04 -6.41
C GLY A 273 0.80 -0.67 -7.82
N LEU A 274 1.01 -1.71 -8.61
CA LEU A 274 1.50 -1.55 -9.98
C LEU A 274 0.50 -0.90 -10.95
N LYS A 275 0.96 0.16 -11.62
CA LYS A 275 0.16 0.92 -12.55
C LYS A 275 -0.73 0.02 -13.37
N GLY A 276 -0.20 -1.09 -13.74
CA GLY A 276 -0.96 -2.03 -14.53
C GLY A 276 -2.33 -2.42 -14.00
N MET A 277 -2.42 -2.59 -12.72
CA MET A 277 -3.67 -3.06 -12.13
C MET A 277 -4.91 -2.23 -12.44
N GLU A 278 -4.70 -0.97 -12.70
CA GLU A 278 -5.82 -0.11 -12.90
C GLU A 278 -6.74 -0.57 -14.02
N LYS A 279 -6.15 -0.89 -15.17
CA LYS A 279 -6.84 -1.30 -16.38
C LYS A 279 -7.76 -2.52 -16.23
N GLY A 280 -7.19 -3.59 -15.77
CA GLY A 280 -7.99 -4.77 -15.59
C GLY A 280 -9.18 -4.60 -14.65
N ILE A 281 -9.17 -3.56 -13.82
CA ILE A 281 -10.25 -3.42 -12.86
C ILE A 281 -11.32 -2.58 -13.52
N ASP A 282 -10.86 -1.63 -14.26
CA ASP A 282 -11.76 -0.80 -15.01
C ASP A 282 -12.50 -1.66 -16.05
N ASP A 283 -11.78 -2.66 -16.60
CA ASP A 283 -12.37 -3.60 -17.57
C ASP A 283 -13.56 -4.36 -17.01
N ILE A 284 -13.38 -4.93 -15.81
CA ILE A 284 -14.42 -5.60 -15.03
C ILE A 284 -15.55 -4.59 -14.75
N MET A 285 -15.18 -3.42 -14.22
CA MET A 285 -16.16 -2.44 -13.83
C MET A 285 -17.06 -2.03 -14.96
N VAL A 286 -16.43 -1.67 -16.07
CA VAL A 286 -17.15 -1.21 -17.26
C VAL A 286 -18.33 -2.12 -17.59
N SER A 287 -18.11 -3.41 -17.43
CA SER A 287 -19.11 -4.37 -17.79
C SER A 287 -20.23 -4.51 -16.78
N LEU A 288 -19.85 -4.56 -15.51
CA LEU A 288 -20.80 -4.63 -14.44
C LEU A 288 -21.76 -3.45 -14.58
N ALA A 289 -21.21 -2.26 -14.70
CA ALA A 289 -22.03 -1.11 -14.73
C ALA A 289 -22.99 -1.02 -15.93
N ALA A 290 -22.44 -1.31 -17.11
CA ALA A 290 -23.24 -1.19 -18.33
C ALA A 290 -24.43 -2.08 -18.23
N ALA A 291 -24.20 -3.22 -17.63
CA ALA A 291 -25.25 -4.18 -17.43
C ALA A 291 -26.43 -3.55 -16.74
N GLU A 292 -26.12 -2.49 -16.04
CA GLU A 292 -27.14 -1.85 -15.27
C GLU A 292 -27.56 -0.56 -15.85
N GLY A 293 -26.98 -0.26 -16.99
CA GLY A 293 -27.38 0.96 -17.61
C GLY A 293 -26.54 2.13 -17.18
N ILE A 294 -25.39 1.85 -16.64
CA ILE A 294 -24.54 2.95 -16.13
C ILE A 294 -23.24 3.09 -16.90
N ASP A 295 -22.80 4.32 -17.13
CA ASP A 295 -21.53 4.57 -17.79
C ASP A 295 -20.38 4.63 -16.71
N TRP A 296 -19.52 3.56 -16.64
CA TRP A 296 -18.43 3.44 -15.66
C TRP A 296 -17.55 4.66 -15.58
N ILE A 297 -17.21 5.16 -16.73
CA ILE A 297 -16.46 6.37 -16.81
C ILE A 297 -17.13 7.53 -16.07
N GLU A 298 -18.43 7.69 -16.20
CA GLU A 298 -18.97 8.79 -15.43
C GLU A 298 -19.15 8.43 -13.97
N TYR A 299 -19.55 7.21 -13.70
CA TYR A 299 -19.78 6.84 -12.34
C TYR A 299 -18.49 6.99 -11.50
N LYS A 300 -17.42 6.45 -12.00
CA LYS A 300 -16.12 6.53 -11.39
C LYS A 300 -15.73 7.97 -11.08
N ARG A 301 -15.92 8.82 -12.06
CA ARG A 301 -15.62 10.22 -11.83
C ARG A 301 -16.42 10.75 -10.65
N GLN A 302 -17.67 10.31 -10.51
CA GLN A 302 -18.38 10.80 -9.39
C GLN A 302 -17.85 10.14 -8.15
N LEU A 303 -17.44 8.89 -8.23
CA LEU A 303 -16.92 8.28 -7.03
C LEU A 303 -15.70 8.99 -6.55
N LYS A 304 -14.84 9.35 -7.52
CA LYS A 304 -13.58 10.03 -7.26
C LYS A 304 -13.84 11.34 -6.55
N LYS A 305 -14.84 12.08 -7.02
CA LYS A 305 -15.22 13.36 -6.46
C LYS A 305 -15.79 13.20 -5.05
N ALA A 306 -16.44 12.08 -4.80
CA ALA A 306 -16.99 11.76 -3.52
C ALA A 306 -15.94 11.19 -2.57
N GLU A 307 -14.68 11.04 -3.01
CA GLU A 307 -13.63 10.51 -2.16
C GLU A 307 -13.78 9.04 -1.88
N GLN A 308 -14.51 8.39 -2.78
CA GLN A 308 -14.76 6.99 -2.65
C GLN A 308 -13.92 6.06 -3.52
N TRP A 309 -13.19 6.65 -4.44
CA TRP A 309 -12.43 5.81 -5.31
C TRP A 309 -11.06 6.39 -5.26
N ASN A 310 -10.16 5.74 -4.51
CA ASN A 310 -8.84 6.30 -4.23
C ASN A 310 -7.73 5.44 -4.75
N VAL A 311 -6.88 6.05 -5.57
CA VAL A 311 -5.89 5.25 -6.24
C VAL A 311 -4.51 5.81 -6.15
N GLU A 312 -3.54 4.93 -5.91
CA GLU A 312 -2.12 5.31 -5.96
C GLU A 312 -1.33 4.16 -6.62
N VAL A 313 -1.06 4.16 -7.96
CA VAL A 313 -0.36 3.00 -8.55
C VAL A 313 0.92 3.51 -9.14
N TYR A 314 1.85 2.67 -9.40
CA TYR A 314 3.07 3.27 -9.86
C TYR A 314 3.88 2.22 -10.60
P PO4 B . 2.31 -13.00 -13.32
O1 PO4 B . 1.37 -12.09 -14.10
O2 PO4 B . 2.59 -12.36 -11.98
O3 PO4 B . 1.72 -14.38 -13.12
O4 PO4 B . 3.61 -13.13 -14.08
S SO4 C . 19.31 9.81 -10.22
O1 SO4 C . 19.89 10.82 -9.28
O2 SO4 C . 17.83 9.71 -10.03
O3 SO4 C . 19.59 10.28 -11.63
O4 SO4 C . 19.92 8.46 -10.00
PA FAD D . 16.11 3.42 -10.50
O1A FAD D . 15.49 4.73 -10.47
O2A FAD D . 17.58 3.19 -10.37
O5B FAD D . 15.55 2.65 -11.83
C5B FAD D . 14.29 3.26 -12.28
C4B FAD D . 14.08 3.01 -13.75
O4B FAD D . 14.16 1.56 -13.94
C3B FAD D . 12.73 3.33 -14.40
O3B FAD D . 12.44 4.70 -14.58
C2B FAD D . 12.76 2.42 -15.68
O2B FAD D . 13.29 3.12 -16.82
C1B FAD D . 13.76 1.33 -15.34
N9A FAD D . 13.23 -0.08 -15.44
C8A FAD D . 12.51 -0.78 -14.47
N7A FAD D . 12.26 -2.03 -14.85
C5A FAD D . 12.83 -2.15 -16.09
C6A FAD D . 12.87 -3.25 -17.05
N6A FAD D . 12.34 -4.44 -16.82
N1A FAD D . 13.51 -2.99 -18.22
C2A FAD D . 14.06 -1.76 -18.49
N3A FAD D . 14.05 -0.71 -17.69
C4A FAD D . 13.44 -0.95 -16.51
N1 FAD D . 8.38 0.95 -4.50
C2 FAD D . 8.43 0.00 -3.53
O2 FAD D . 9.16 -0.97 -3.65
N3 FAD D . 7.56 0.11 -2.40
C4 FAD D . 6.72 1.16 -2.17
O4 FAD D . 6.02 1.24 -1.19
C4X FAD D . 6.69 2.18 -3.21
N5 FAD D . 5.79 3.11 -3.13
C5X FAD D . 5.78 4.00 -4.15
C6 FAD D . 4.89 5.07 -4.07
C7 FAD D . 4.91 6.01 -5.03
C7M FAD D . 3.97 7.14 -4.94
C8 FAD D . 5.80 5.93 -6.11
C8M FAD D . 5.72 7.01 -7.15
C9 FAD D . 6.73 4.91 -6.21
C9A FAD D . 6.75 3.96 -5.22
N10 FAD D . 7.55 2.87 -5.31
C10 FAD D . 7.57 1.97 -4.34
C1' FAD D . 8.56 2.72 -6.36
C2' FAD D . 9.87 3.39 -5.85
O2' FAD D . 9.60 4.82 -5.65
C3' FAD D . 11.09 3.22 -6.81
O3' FAD D . 10.81 3.81 -8.06
C4' FAD D . 11.55 1.77 -7.01
O4' FAD D . 11.95 1.24 -5.73
C5' FAD D . 12.75 1.71 -7.99
O5' FAD D . 13.65 2.83 -7.78
P FAD D . 15.27 2.53 -7.77
O1P FAD D . 15.86 3.85 -7.38
O2P FAD D . 15.59 1.22 -7.14
O3P FAD D . 15.35 2.45 -9.42
#